data_6HRK
#
_entry.id   6HRK
#
_cell.length_a   61.248
_cell.length_b   74.823
_cell.length_c   61.031
_cell.angle_alpha   90.00
_cell.angle_beta   90.67
_cell.angle_gamma   90.00
#
_symmetry.space_group_name_H-M   'P 1 21 1'
#
loop_
_entity.id
_entity.type
_entity.pdbx_description
1 polymer 'Allophycocyanin beta-18 subunit apoprotein'
2 non-polymer 'BILIVERDINE IX ALPHA'
#
_entity_poly.entity_id   1
_entity_poly.type   'polypeptide(L)'
_entity_poly.pdbx_seq_one_letter_code
;MADGEKRVQVAGVIGTNAAEVVKTAVSQLFQEYPELVRPGGCAYTTRRYNMCVRDMNYFLRMCSYAIVAGGASVLDERML
AGFRDTFNSLGIPLCPTARSIQLMKKIVKEKLATAGMTNIAFVDEPFDYIARVISETEILEHHHHHH
;
_entity_poly.pdbx_strand_id   A,B,C,D
#
# COMPACT_ATOMS: atom_id res chain seq x y z
N ASP A 3 4.28 -10.52 11.79
CA ASP A 3 4.50 -9.99 10.41
C ASP A 3 5.09 -11.06 9.50
N GLY A 4 6.30 -11.52 9.85
CA GLY A 4 7.04 -12.51 9.06
C GLY A 4 6.30 -13.80 8.74
N GLU A 5 5.48 -14.28 9.66
CA GLU A 5 4.65 -15.47 9.44
C GLU A 5 3.55 -15.22 8.40
N LYS A 6 2.86 -14.08 8.52
CA LYS A 6 1.83 -13.68 7.54
C LYS A 6 2.42 -13.37 6.16
N ARG A 7 3.60 -12.76 6.13
CA ARG A 7 4.33 -12.51 4.88
C ARG A 7 4.68 -13.79 4.13
N VAL A 8 5.05 -14.82 4.87
CA VAL A 8 5.26 -16.16 4.31
C VAL A 8 3.93 -16.78 3.85
N GLN A 9 2.90 -16.63 4.67
CA GLN A 9 1.54 -17.12 4.33
C GLN A 9 0.97 -16.47 3.07
N VAL A 10 1.25 -15.19 2.88
CA VAL A 10 0.82 -14.46 1.67
C VAL A 10 1.49 -15.00 0.41
N ALA A 11 2.81 -15.13 0.43
CA ALA A 11 3.56 -15.63 -0.72
C ALA A 11 3.22 -17.09 -1.06
N GLY A 12 2.81 -17.86 -0.05
CA GLY A 12 2.27 -19.19 -0.24
C GLY A 12 1.00 -19.18 -1.09
N VAL A 13 0.09 -18.25 -0.76
CA VAL A 13 -1.17 -18.08 -1.51
C VAL A 13 -0.91 -17.58 -2.94
N ILE A 14 0.02 -16.64 -3.09
CA ILE A 14 0.36 -16.09 -4.41
C ILE A 14 1.08 -17.13 -5.26
N GLY A 15 2.06 -17.81 -4.66
CA GLY A 15 2.79 -18.89 -5.33
C GLY A 15 1.92 -20.06 -5.76
N THR A 16 0.92 -20.38 -4.93
CA THR A 16 -0.07 -21.43 -5.25
C THR A 16 -0.97 -20.97 -6.39
N ASN A 17 -1.53 -19.77 -6.26
CA ASN A 17 -2.49 -19.22 -7.23
C ASN A 17 -1.81 -18.28 -8.27
N ALA A 18 -0.58 -18.59 -8.65
CA ALA A 18 0.22 -17.71 -9.52
C ALA A 18 -0.34 -17.63 -10.94
N ALA A 19 -0.58 -18.79 -11.54
CA ALA A 19 -1.09 -18.88 -12.91
C ALA A 19 -2.48 -18.28 -13.07
N GLU A 20 -3.36 -18.50 -12.10
CA GLU A 20 -4.74 -18.00 -12.16
C GLU A 20 -4.83 -16.50 -11.96
N VAL A 21 -4.07 -15.97 -10.98
CA VAL A 21 -4.03 -14.52 -10.71
C VAL A 21 -3.62 -13.73 -11.96
N VAL A 22 -2.65 -14.24 -12.72
CA VAL A 22 -2.22 -13.63 -13.97
C VAL A 22 -3.36 -13.73 -14.99
N LYS A 23 -3.76 -14.96 -15.32
CA LYS A 23 -4.84 -15.21 -16.30
C LYS A 23 -6.14 -14.43 -16.00
N THR A 24 -6.48 -14.30 -14.72
CA THR A 24 -7.62 -13.49 -14.30
C THR A 24 -7.37 -11.99 -14.51
N ALA A 25 -6.15 -11.54 -14.19
CA ALA A 25 -5.76 -10.14 -14.37
C ALA A 25 -5.69 -9.71 -15.84
N VAL A 26 -5.17 -10.57 -16.71
CA VAL A 26 -5.00 -10.23 -18.13
C VAL A 26 -6.36 -10.19 -18.82
N SER A 27 -7.27 -11.08 -18.41
CA SER A 27 -8.64 -11.12 -18.93
C SER A 27 -9.38 -9.81 -18.70
N GLN A 28 -9.32 -9.29 -17.47
CA GLN A 28 -9.98 -8.01 -17.14
C GLN A 28 -9.22 -6.81 -17.71
N LEU A 29 -7.89 -6.95 -17.90
CA LEU A 29 -7.08 -5.93 -18.56
C LEU A 29 -7.53 -5.68 -20.01
N PHE A 30 -7.77 -6.76 -20.75
CA PHE A 30 -8.22 -6.66 -22.15
C PHE A 30 -9.64 -6.13 -22.32
N GLN A 31 -10.48 -6.24 -21.29
CA GLN A 31 -11.80 -5.58 -21.29
C GLN A 31 -11.63 -4.06 -21.26
N GLU A 32 -10.80 -3.59 -20.34
CA GLU A 32 -10.59 -2.16 -20.12
C GLU A 32 -9.64 -1.55 -21.15
N TYR A 33 -8.68 -2.33 -21.63
CA TYR A 33 -7.76 -1.93 -22.70
C TYR A 33 -7.84 -2.94 -23.86
N PRO A 34 -8.91 -2.88 -24.67
CA PRO A 34 -9.05 -3.79 -25.82
C PRO A 34 -8.06 -3.53 -26.97
N GLU A 35 -7.40 -2.37 -26.96
CA GLU A 35 -6.31 -2.07 -27.90
C GLU A 35 -5.14 -3.05 -27.88
N LEU A 36 -4.88 -3.67 -26.73
CA LEU A 36 -3.78 -4.62 -26.57
C LEU A 36 -3.94 -5.89 -27.42
N VAL A 37 -5.19 -6.27 -27.70
CA VAL A 37 -5.50 -7.44 -28.53
C VAL A 37 -5.75 -7.05 -30.02
N ARG A 38 -5.76 -5.76 -30.32
CA ARG A 38 -5.79 -5.25 -31.70
C ARG A 38 -4.37 -5.10 -32.25
N PRO A 39 -4.21 -4.93 -33.59
CA PRO A 39 -2.89 -4.64 -34.17
C PRO A 39 -2.25 -3.36 -33.61
N GLY A 40 -0.95 -3.42 -33.32
CA GLY A 40 -0.25 -2.35 -32.62
C GLY A 40 -0.09 -2.62 -31.13
N GLY A 41 -1.08 -3.29 -30.53
CA GLY A 41 -1.07 -3.61 -29.10
C GLY A 41 -0.05 -4.66 -28.70
N CYS A 42 0.28 -4.67 -27.41
CA CYS A 42 1.33 -5.55 -26.87
C CYS A 42 0.86 -6.98 -26.54
N ALA A 43 -0.28 -7.40 -27.07
CA ALA A 43 -0.69 -8.82 -27.03
C ALA A 43 -1.51 -9.24 -28.26
N TYR A 44 -1.23 -8.65 -29.42
CA TYR A 44 -1.97 -8.95 -30.65
C TYR A 44 -1.70 -10.40 -31.11
N THR A 45 -0.43 -10.70 -31.36
CA THR A 45 -0.02 -12.05 -31.76
C THR A 45 0.10 -12.95 -30.53
N THR A 46 0.28 -14.25 -30.78
CA THR A 46 0.51 -15.23 -29.72
C THR A 46 1.87 -15.01 -29.05
N ARG A 47 2.89 -14.71 -29.86
CA ARG A 47 4.22 -14.36 -29.37
C ARG A 47 4.17 -13.20 -28.36
N ARG A 48 3.51 -12.12 -28.74
CA ARG A 48 3.34 -10.95 -27.86
C ARG A 48 2.50 -11.26 -26.62
N TYR A 49 1.42 -12.02 -26.79
CA TYR A 49 0.56 -12.40 -25.65
C TYR A 49 1.32 -13.23 -24.63
N ASN A 50 2.08 -14.22 -25.11
CA ASN A 50 2.93 -15.05 -24.26
C ASN A 50 3.93 -14.24 -23.45
N MET A 51 4.61 -13.30 -24.10
CA MET A 51 5.52 -12.38 -23.41
C MET A 51 4.78 -11.40 -22.48
N CYS A 52 3.52 -11.10 -22.79
CA CYS A 52 2.66 -10.26 -21.95
C CYS A 52 2.25 -10.92 -20.63
N VAL A 53 1.89 -12.21 -20.67
CA VAL A 53 1.64 -12.97 -19.42
C VAL A 53 2.95 -13.28 -18.67
N ARG A 54 4.02 -13.52 -19.42
CA ARG A 54 5.36 -13.68 -18.87
C ARG A 54 5.77 -12.45 -18.03
N ASP A 55 5.64 -11.27 -18.63
CA ASP A 55 5.95 -10.01 -17.95
C ASP A 55 5.14 -9.81 -16.67
N MET A 56 3.82 -10.01 -16.76
CA MET A 56 2.94 -9.92 -15.59
C MET A 56 3.36 -10.91 -14.50
N ASN A 57 3.74 -12.12 -14.91
CA ASN A 57 4.28 -13.12 -13.98
C ASN A 57 5.58 -12.63 -13.31
N TYR A 58 6.47 -11.99 -14.09
CA TYR A 58 7.67 -11.36 -13.51
C TYR A 58 7.33 -10.32 -12.43
N PHE A 59 6.33 -9.48 -12.69
CA PHE A 59 5.96 -8.42 -11.75
C PHE A 59 5.34 -8.95 -10.46
N LEU A 60 4.43 -9.91 -10.59
CA LEU A 60 3.85 -10.61 -9.42
C LEU A 60 4.92 -11.36 -8.63
N ARG A 61 5.85 -11.98 -9.35
CA ARG A 61 7.02 -12.68 -8.78
C ARG A 61 7.84 -11.77 -7.88
N MET A 62 8.17 -10.59 -8.40
CA MET A 62 8.88 -9.54 -7.67
C MET A 62 8.13 -9.09 -6.43
N CYS A 63 6.81 -8.95 -6.56
CA CYS A 63 5.95 -8.53 -5.44
C CYS A 63 5.90 -9.55 -4.30
N SER A 64 5.81 -10.83 -4.63
CA SER A 64 5.82 -11.90 -3.63
C SER A 64 7.11 -11.90 -2.80
N TYR A 65 8.24 -11.88 -3.51
CA TYR A 65 9.56 -11.78 -2.88
C TYR A 65 9.71 -10.50 -2.05
N ALA A 66 9.24 -9.38 -2.58
CA ALA A 66 9.28 -8.10 -1.87
C ALA A 66 8.52 -8.14 -0.54
N ILE A 67 7.36 -8.80 -0.52
CA ILE A 67 6.57 -8.96 0.71
C ILE A 67 7.27 -9.91 1.70
N VAL A 68 7.83 -11.00 1.19
CA VAL A 68 8.58 -11.96 2.02
C VAL A 68 9.88 -11.34 2.56
N ALA A 69 10.57 -10.58 1.72
CA ALA A 69 11.85 -9.97 2.10
C ALA A 69 11.72 -8.84 3.14
N GLY A 70 10.53 -8.28 3.31
CA GLY A 70 10.28 -7.21 4.27
C GLY A 70 9.77 -5.91 3.67
N GLY A 71 9.90 -5.75 2.35
CA GLY A 71 9.45 -4.54 1.66
C GLY A 71 10.01 -4.40 0.26
N ALA A 72 9.62 -3.33 -0.41
CA ALA A 72 9.98 -3.07 -1.80
C ALA A 72 11.40 -2.50 -1.98
N SER A 73 12.07 -2.16 -0.87
CA SER A 73 13.48 -1.72 -0.88
C SER A 73 14.40 -2.70 -1.60
N VAL A 74 14.13 -3.99 -1.44
CA VAL A 74 14.90 -5.06 -2.10
C VAL A 74 14.92 -4.95 -3.63
N LEU A 75 13.83 -4.45 -4.23
CA LEU A 75 13.74 -4.26 -5.67
C LEU A 75 14.62 -3.10 -6.15
N ASP A 76 15.37 -3.33 -7.22
CA ASP A 76 16.30 -2.34 -7.74
C ASP A 76 15.54 -1.30 -8.57
N GLU A 77 15.61 -0.04 -8.14
CA GLU A 77 14.88 1.06 -8.80
C GLU A 77 15.44 1.38 -10.20
N ARG A 78 16.74 1.19 -10.40
CA ARG A 78 17.36 1.34 -11.72
C ARG A 78 16.90 0.29 -12.71
N MET A 79 16.72 -0.94 -12.23
CA MET A 79 16.24 -2.06 -13.05
C MET A 79 14.80 -1.85 -13.50
N LEU A 80 13.95 -1.39 -12.57
CA LEU A 80 12.54 -1.07 -12.88
C LEU A 80 12.43 0.15 -13.78
N ALA A 81 13.29 1.15 -13.54
CA ALA A 81 13.40 2.32 -14.44
C ALA A 81 14.01 1.97 -15.80
N GLY A 82 14.82 0.90 -15.84
CA GLY A 82 15.30 0.32 -17.10
C GLY A 82 14.17 -0.25 -17.96
N PHE A 83 13.20 -0.89 -17.32
CA PHE A 83 12.03 -1.45 -18.04
C PHE A 83 11.10 -0.34 -18.56
N ARG A 84 10.98 0.74 -17.79
CA ARG A 84 10.23 1.94 -18.21
C ARG A 84 10.73 2.46 -19.57
N ASP A 85 12.05 2.63 -19.69
CA ASP A 85 12.66 3.12 -20.94
C ASP A 85 12.52 2.12 -22.08
N THR A 86 12.68 0.84 -21.77
CA THR A 86 12.52 -0.24 -22.74
C THR A 86 11.09 -0.28 -23.29
N PHE A 87 10.11 -0.22 -22.39
CA PHE A 87 8.69 -0.29 -22.74
C PHE A 87 8.25 0.89 -23.62
N ASN A 88 8.74 2.09 -23.28
CA ASN A 88 8.55 3.28 -24.13
C ASN A 88 9.18 3.13 -25.51
N SER A 89 10.38 2.56 -25.58
CA SER A 89 11.08 2.30 -26.84
C SER A 89 10.36 1.26 -27.70
N LEU A 90 9.94 0.17 -27.08
CA LEU A 90 9.26 -0.94 -27.79
C LEU A 90 7.74 -0.74 -27.98
N GLY A 91 7.19 0.38 -27.52
CA GLY A 91 5.78 0.69 -27.73
C GLY A 91 4.82 -0.11 -26.85
N ILE A 92 5.31 -0.55 -25.69
CA ILE A 92 4.45 -1.14 -24.66
C ILE A 92 3.97 0.03 -23.81
N PRO A 93 2.65 0.32 -23.82
CA PRO A 93 2.19 1.48 -23.05
C PRO A 93 2.26 1.27 -21.53
N LEU A 94 2.63 2.33 -20.82
CA LEU A 94 2.95 2.26 -19.39
C LEU A 94 1.73 2.21 -18.46
N CYS A 95 0.64 2.89 -18.85
CA CYS A 95 -0.58 2.93 -18.03
C CYS A 95 -1.29 1.56 -17.92
N PRO A 96 -1.45 0.84 -19.05
CA PRO A 96 -1.95 -0.55 -18.99
C PRO A 96 -1.05 -1.50 -18.22
N THR A 97 0.27 -1.35 -18.37
CA THR A 97 1.25 -2.12 -17.59
C THR A 97 1.06 -1.87 -16.09
N ALA A 98 0.82 -0.61 -15.72
CA ALA A 98 0.54 -0.24 -14.34
C ALA A 98 -0.77 -0.87 -13.86
N ARG A 99 -1.82 -0.77 -14.69
CA ARG A 99 -3.13 -1.37 -14.38
C ARG A 99 -3.00 -2.87 -14.12
N SER A 100 -2.30 -3.58 -15.00
CA SER A 100 -2.15 -5.04 -14.89
C SER A 100 -1.57 -5.46 -13.53
N ILE A 101 -0.60 -4.68 -13.04
CA ILE A 101 -0.02 -4.88 -11.70
C ILE A 101 -1.06 -4.58 -10.62
N GLN A 102 -1.74 -3.45 -10.75
CA GLN A 102 -2.76 -3.04 -9.78
C GLN A 102 -3.99 -3.97 -9.79
N LEU A 103 -4.27 -4.58 -10.94
CA LEU A 103 -5.30 -5.64 -11.04
C LEU A 103 -4.85 -6.88 -10.30
N MET A 104 -3.61 -7.32 -10.54
CA MET A 104 -3.01 -8.45 -9.83
C MET A 104 -2.96 -8.24 -8.31
N LYS A 105 -2.77 -6.99 -7.87
CA LYS A 105 -2.93 -6.65 -6.45
C LYS A 105 -4.34 -7.01 -5.97
N LYS A 106 -5.34 -6.53 -6.71
CA LYS A 106 -6.76 -6.77 -6.39
C LYS A 106 -7.13 -8.24 -6.34
N ILE A 107 -6.62 -9.04 -7.29
CA ILE A 107 -6.91 -10.48 -7.34
C ILE A 107 -6.27 -11.20 -6.14
N VAL A 108 -5.05 -10.79 -5.78
CA VAL A 108 -4.36 -11.33 -4.59
C VAL A 108 -5.11 -10.96 -3.31
N LYS A 109 -5.56 -9.70 -3.21
CA LYS A 109 -6.31 -9.22 -2.03
C LYS A 109 -7.63 -9.99 -1.79
N GLU A 110 -8.31 -10.36 -2.87
CA GLU A 110 -9.53 -11.20 -2.80
C GLU A 110 -9.22 -12.58 -2.23
N LYS A 111 -8.21 -13.24 -2.80
CA LYS A 111 -7.86 -14.62 -2.42
C LYS A 111 -7.36 -14.75 -0.98
N LEU A 112 -6.65 -13.72 -0.49
CA LEU A 112 -6.23 -13.66 0.91
C LEU A 112 -7.42 -13.47 1.85
N ALA A 113 -8.39 -12.64 1.43
CA ALA A 113 -9.63 -12.44 2.18
C ALA A 113 -10.52 -13.69 2.18
N THR A 114 -10.66 -14.32 1.01
CA THR A 114 -11.42 -15.58 0.88
C THR A 114 -10.75 -16.74 1.63
N ALA A 115 -9.42 -16.73 1.69
CA ALA A 115 -8.67 -17.70 2.50
C ALA A 115 -8.90 -17.48 4.00
N GLY A 116 -9.00 -16.21 4.41
CA GLY A 116 -9.25 -15.87 5.82
C GLY A 116 -8.60 -14.60 6.35
N MET A 117 -7.51 -14.15 5.73
CA MET A 117 -6.69 -13.07 6.28
C MET A 117 -7.35 -11.70 6.18
N THR A 118 -7.21 -10.92 7.26
CA THR A 118 -7.62 -9.50 7.31
C THR A 118 -6.49 -8.66 7.90
N ASN A 119 -6.64 -7.33 7.82
CA ASN A 119 -5.58 -6.38 8.18
C ASN A 119 -4.36 -6.52 7.27
N ILE A 120 -4.64 -6.64 5.96
CA ILE A 120 -3.63 -6.90 4.94
C ILE A 120 -3.45 -5.64 4.08
N ALA A 121 -2.71 -4.68 4.62
CA ALA A 121 -2.33 -3.45 3.91
C ALA A 121 -0.91 -3.55 3.34
N PHE A 122 0.00 -4.16 4.10
CA PHE A 122 1.40 -4.41 3.68
C PHE A 122 1.60 -5.07 2.30
N VAL A 123 0.64 -5.88 1.88
CA VAL A 123 0.65 -6.52 0.54
C VAL A 123 0.68 -5.51 -0.62
N ASP A 124 0.05 -4.35 -0.43
CA ASP A 124 -0.03 -3.32 -1.48
C ASP A 124 1.33 -2.79 -1.94
N GLU A 125 2.24 -2.62 -0.99
CA GLU A 125 3.52 -1.91 -1.18
C GLU A 125 4.28 -2.14 -2.52
N PRO A 126 4.70 -3.39 -2.80
CA PRO A 126 5.47 -3.62 -4.04
C PRO A 126 4.66 -3.56 -5.34
N PHE A 127 3.34 -3.67 -5.24
CA PHE A 127 2.44 -3.47 -6.40
C PHE A 127 2.36 -1.98 -6.72
N ASP A 128 2.10 -1.18 -5.69
CA ASP A 128 2.08 0.29 -5.82
C ASP A 128 3.46 0.91 -6.11
N TYR A 129 4.53 0.27 -5.65
CA TYR A 129 5.89 0.76 -5.89
C TYR A 129 6.32 0.53 -7.33
N ILE A 130 6.18 -0.71 -7.80
CA ILE A 130 6.51 -1.06 -9.19
C ILE A 130 5.61 -0.30 -10.17
N ALA A 131 4.33 -0.17 -9.85
CA ALA A 131 3.39 0.64 -10.64
C ALA A 131 3.77 2.12 -10.70
N ARG A 132 4.26 2.66 -9.58
CA ARG A 132 4.71 4.05 -9.50
C ARG A 132 5.93 4.34 -10.35
N VAL A 133 6.94 3.47 -10.27
CA VAL A 133 8.20 3.65 -11.01
C VAL A 133 8.02 3.32 -12.51
N ILE A 134 7.09 2.43 -12.84
CA ILE A 134 6.75 2.15 -14.26
C ILE A 134 6.08 3.35 -14.92
N SER A 135 5.15 4.01 -14.22
CA SER A 135 4.37 5.11 -14.78
C SER A 135 4.83 6.51 -14.34
N GLU A 136 6.13 6.68 -14.13
CA GLU A 136 6.70 7.96 -13.78
C GLU A 136 7.17 8.57 -15.06
N THR A 137 7.05 9.88 -15.20
CA THR A 137 7.48 10.54 -16.40
C THR A 137 7.51 12.02 -16.20
N ASP B 3 11.72 1.35 28.37
CA ASP B 3 10.53 2.25 28.29
C ASP B 3 10.52 3.08 27.02
N GLY B 4 11.63 3.78 26.76
CA GLY B 4 11.74 4.70 25.61
C GLY B 4 11.70 4.00 24.27
N GLU B 5 12.49 2.95 24.13
CA GLU B 5 12.51 2.12 22.91
C GLU B 5 11.17 1.41 22.68
N LYS B 6 10.53 0.96 23.76
CA LYS B 6 9.23 0.26 23.67
C LYS B 6 8.10 1.21 23.26
N ARG B 7 8.12 2.42 23.83
CA ARG B 7 7.15 3.47 23.48
C ARG B 7 7.19 3.88 22.00
N VAL B 8 8.38 3.81 21.39
CA VAL B 8 8.54 4.12 19.96
C VAL B 8 7.95 3.00 19.09
N GLN B 9 8.32 1.75 19.39
CA GLN B 9 7.86 0.58 18.62
C GLN B 9 6.35 0.33 18.75
N VAL B 10 5.82 0.52 19.96
CA VAL B 10 4.37 0.44 20.21
C VAL B 10 3.63 1.50 19.38
N ALA B 11 4.09 2.74 19.48
CA ALA B 11 3.51 3.85 18.71
C ALA B 11 3.60 3.64 17.20
N GLY B 12 4.68 3.01 16.75
CA GLY B 12 4.85 2.63 15.34
C GLY B 12 3.81 1.66 14.82
N VAL B 13 3.45 0.67 15.65
CA VAL B 13 2.40 -0.30 15.31
C VAL B 13 1.05 0.40 15.14
N ILE B 14 0.78 1.41 15.97
CA ILE B 14 -0.47 2.17 15.89
C ILE B 14 -0.50 2.98 14.59
N GLY B 15 0.54 3.81 14.39
CA GLY B 15 0.64 4.69 13.23
C GLY B 15 0.66 3.97 11.89
N THR B 16 1.35 2.84 11.82
CA THR B 16 1.40 2.01 10.61
C THR B 16 0.04 1.41 10.30
N ASN B 17 -0.64 0.89 11.33
CA ASN B 17 -1.99 0.32 11.20
C ASN B 17 -3.11 1.32 11.52
N ALA B 18 -2.84 2.62 11.35
CA ALA B 18 -3.81 3.67 11.69
C ALA B 18 -5.08 3.63 10.83
N ALA B 19 -4.95 3.15 9.60
CA ALA B 19 -6.10 2.97 8.70
C ALA B 19 -7.03 1.88 9.21
N GLU B 20 -6.48 0.68 9.39
CA GLU B 20 -7.24 -0.50 9.83
C GLU B 20 -7.90 -0.32 11.21
N VAL B 21 -7.14 0.25 12.15
CA VAL B 21 -7.62 0.49 13.53
C VAL B 21 -8.86 1.40 13.54
N VAL B 22 -8.82 2.46 12.75
CA VAL B 22 -9.95 3.38 12.63
C VAL B 22 -11.10 2.66 11.91
N LYS B 23 -10.83 2.09 10.74
CA LYS B 23 -11.84 1.32 9.98
C LYS B 23 -12.63 0.31 10.83
N THR B 24 -11.90 -0.52 11.56
CA THR B 24 -12.50 -1.55 12.42
C THR B 24 -13.29 -0.97 13.60
N ALA B 25 -12.75 0.08 14.21
CA ALA B 25 -13.40 0.74 15.35
C ALA B 25 -14.72 1.45 15.02
N VAL B 26 -14.79 2.08 13.84
CA VAL B 26 -16.01 2.81 13.43
C VAL B 26 -17.10 1.80 13.06
N SER B 27 -16.71 0.76 12.33
CA SER B 27 -17.62 -0.33 11.98
C SER B 27 -18.30 -0.93 13.23
N GLN B 28 -17.52 -1.17 14.29
CA GLN B 28 -18.06 -1.66 15.56
C GLN B 28 -18.81 -0.58 16.36
N LEU B 29 -18.46 0.68 16.18
CA LEU B 29 -19.22 1.81 16.74
C LEU B 29 -20.64 1.88 16.16
N PHE B 30 -20.78 1.65 14.85
CA PHE B 30 -22.09 1.66 14.19
C PHE B 30 -22.99 0.49 14.60
N GLN B 31 -22.41 -0.61 15.07
CA GLN B 31 -23.19 -1.72 15.65
C GLN B 31 -23.85 -1.31 16.97
N GLU B 32 -23.11 -0.58 17.79
CA GLU B 32 -23.55 -0.17 19.13
C GLU B 32 -24.36 1.13 19.15
N TYR B 33 -24.07 2.02 18.20
CA TYR B 33 -24.83 3.27 18.01
C TYR B 33 -25.32 3.34 16.56
N PRO B 34 -26.42 2.62 16.23
CA PRO B 34 -26.90 2.61 14.84
C PRO B 34 -27.43 3.96 14.36
N GLU B 35 -28.00 4.74 15.29
CA GLU B 35 -28.34 6.16 15.10
C GLU B 35 -27.34 6.99 14.27
N LEU B 36 -26.04 6.69 14.43
CA LEU B 36 -24.97 7.39 13.71
C LEU B 36 -25.01 7.21 12.18
N VAL B 37 -25.56 6.08 11.72
CA VAL B 37 -25.72 5.78 10.29
C VAL B 37 -27.08 6.28 9.72
N ARG B 38 -28.03 6.61 10.59
CA ARG B 38 -29.35 7.11 10.18
C ARG B 38 -29.29 8.64 10.02
N PRO B 39 -30.31 9.26 9.38
CA PRO B 39 -30.32 10.72 9.18
C PRO B 39 -30.08 11.54 10.46
N GLY B 40 -29.15 12.49 10.38
CA GLY B 40 -28.80 13.36 11.51
C GLY B 40 -27.62 12.89 12.35
N GLY B 41 -27.19 11.64 12.17
CA GLY B 41 -26.00 11.12 12.82
C GLY B 41 -24.74 11.75 12.26
N CYS B 42 -23.65 11.66 13.00
CA CYS B 42 -22.39 12.27 12.60
C CYS B 42 -21.57 11.44 11.59
N ALA B 43 -22.16 10.40 11.00
CA ALA B 43 -21.58 9.70 9.85
C ALA B 43 -22.63 9.27 8.82
N TYR B 44 -23.70 10.05 8.68
CA TYR B 44 -24.81 9.71 7.78
C TYR B 44 -24.42 9.89 6.32
N THR B 45 -23.99 11.11 5.98
CA THR B 45 -23.56 11.45 4.62
C THR B 45 -22.10 11.07 4.42
N THR B 46 -21.63 11.20 3.17
CA THR B 46 -20.23 10.94 2.85
C THR B 46 -19.31 11.99 3.48
N ARG B 47 -19.76 13.25 3.53
CA ARG B 47 -19.01 14.33 4.18
C ARG B 47 -18.78 14.05 5.67
N ARG B 48 -19.87 13.73 6.37
CA ARG B 48 -19.80 13.48 7.82
C ARG B 48 -18.99 12.22 8.15
N TYR B 49 -19.11 11.17 7.33
CA TYR B 49 -18.30 9.95 7.53
C TYR B 49 -16.80 10.22 7.43
N ASN B 50 -16.39 11.00 6.42
CA ASN B 50 -14.97 11.33 6.23
C ASN B 50 -14.39 12.10 7.43
N MET B 51 -15.13 13.08 7.91
CA MET B 51 -14.74 13.83 9.11
C MET B 51 -14.84 13.00 10.39
N CYS B 52 -15.72 11.99 10.38
CA CYS B 52 -15.81 11.03 11.49
C CYS B 52 -14.56 10.14 11.61
N VAL B 53 -14.18 9.50 10.52
CA VAL B 53 -12.93 8.70 10.49
C VAL B 53 -11.66 9.57 10.60
N ARG B 54 -11.75 10.85 10.24
CA ARG B 54 -10.67 11.81 10.43
C ARG B 54 -10.41 12.10 11.92
N ASP B 55 -11.47 12.44 12.65
CA ASP B 55 -11.37 12.77 14.08
C ASP B 55 -10.81 11.60 14.89
N MET B 56 -11.29 10.40 14.58
CA MET B 56 -10.77 9.19 15.19
C MET B 56 -9.30 8.98 14.88
N ASN B 57 -8.90 9.23 13.63
CA ASN B 57 -7.48 9.26 13.26
C ASN B 57 -6.73 10.33 14.06
N TYR B 58 -7.30 11.53 14.18
CA TYR B 58 -6.71 12.61 14.98
C TYR B 58 -6.50 12.20 16.45
N PHE B 59 -7.56 11.70 17.09
CA PHE B 59 -7.47 11.22 18.48
C PHE B 59 -6.49 10.05 18.65
N LEU B 60 -6.37 9.22 17.61
CA LEU B 60 -5.37 8.13 17.59
C LEU B 60 -3.94 8.68 17.45
N ARG B 61 -3.76 9.72 16.63
CA ARG B 61 -2.46 10.36 16.44
C ARG B 61 -1.95 11.03 17.72
N MET B 62 -2.84 11.74 18.40
CA MET B 62 -2.56 12.30 19.73
C MET B 62 -2.09 11.24 20.72
N CYS B 63 -2.77 10.10 20.72
CA CYS B 63 -2.43 8.99 21.63
C CYS B 63 -1.07 8.37 21.33
N SER B 64 -0.75 8.19 20.05
CA SER B 64 0.55 7.67 19.63
C SER B 64 1.68 8.62 19.99
N TYR B 65 1.47 9.92 19.73
CA TYR B 65 2.44 10.97 20.09
C TYR B 65 2.61 11.11 21.61
N ALA B 66 1.50 11.07 22.35
CA ALA B 66 1.54 11.11 23.82
C ALA B 66 2.26 9.90 24.41
N ILE B 67 2.01 8.72 23.82
CA ILE B 67 2.76 7.50 24.15
C ILE B 67 4.26 7.67 23.94
N VAL B 68 4.65 8.30 22.83
CA VAL B 68 6.07 8.55 22.52
C VAL B 68 6.69 9.56 23.50
N ALA B 69 5.96 10.64 23.80
CA ALA B 69 6.45 11.72 24.66
C ALA B 69 6.70 11.31 26.11
N GLY B 70 5.97 10.32 26.60
CA GLY B 70 6.09 9.84 27.99
C GLY B 70 4.76 9.63 28.68
N GLY B 71 3.72 10.35 28.25
CA GLY B 71 2.38 10.18 28.79
C GLY B 71 1.37 11.20 28.29
N ALA B 72 0.19 11.19 28.91
CA ALA B 72 -0.91 12.09 28.56
C ALA B 72 -0.70 13.52 29.05
N SER B 73 0.28 13.73 29.94
CA SER B 73 0.70 15.06 30.39
C SER B 73 0.92 16.08 29.26
N VAL B 74 1.55 15.63 28.17
CA VAL B 74 1.85 16.52 27.03
C VAL B 74 0.63 17.01 26.25
N LEU B 75 -0.48 16.27 26.31
CA LEU B 75 -1.72 16.66 25.64
C LEU B 75 -2.44 17.75 26.45
N ASP B 76 -2.75 18.87 25.81
CA ASP B 76 -3.33 20.03 26.51
C ASP B 76 -4.82 19.81 26.81
N GLU B 77 -5.20 20.00 28.08
CA GLU B 77 -6.58 19.78 28.52
C GLU B 77 -7.56 20.82 27.96
N ARG B 78 -7.12 22.09 27.94
CA ARG B 78 -7.91 23.19 27.37
C ARG B 78 -8.17 23.01 25.87
N MET B 79 -7.17 22.46 25.16
CA MET B 79 -7.29 22.18 23.73
C MET B 79 -8.24 21.00 23.46
N LEU B 80 -8.25 20.00 24.36
CA LEU B 80 -9.23 18.90 24.33
C LEU B 80 -10.63 19.35 24.75
N ALA B 81 -10.72 20.30 25.68
CA ALA B 81 -12.00 20.91 26.08
C ALA B 81 -12.62 21.75 24.96
N GLY B 82 -11.78 22.29 24.07
CA GLY B 82 -12.25 22.98 22.87
C GLY B 82 -13.07 22.10 21.94
N PHE B 83 -12.67 20.85 21.79
CA PHE B 83 -13.40 19.88 20.95
C PHE B 83 -14.73 19.46 21.59
N ARG B 84 -14.73 19.30 22.92
CA ARG B 84 -15.97 19.05 23.68
C ARG B 84 -17.02 20.14 23.42
N ASP B 85 -16.60 21.40 23.49
CA ASP B 85 -17.48 22.56 23.22
C ASP B 85 -17.90 22.62 21.76
N THR B 86 -16.94 22.41 20.86
CA THR B 86 -17.19 22.35 19.41
C THR B 86 -18.19 21.26 19.06
N PHE B 87 -18.05 20.10 19.69
CA PHE B 87 -18.95 18.97 19.46
C PHE B 87 -20.36 19.24 20.01
N ASN B 88 -20.44 19.91 21.16
CA ASN B 88 -21.74 20.31 21.74
C ASN B 88 -22.55 21.23 20.84
N SER B 89 -21.92 22.28 20.31
CA SER B 89 -22.61 23.25 19.44
C SER B 89 -22.99 22.63 18.09
N LEU B 90 -22.09 21.84 17.52
CA LEU B 90 -22.34 21.13 16.26
C LEU B 90 -23.26 19.90 16.43
N GLY B 91 -23.45 19.44 17.66
CA GLY B 91 -24.38 18.35 17.96
C GLY B 91 -23.83 16.97 17.63
N ILE B 92 -22.54 16.76 17.91
CA ILE B 92 -21.89 15.46 17.77
C ILE B 92 -21.90 14.81 19.15
N PRO B 93 -22.56 13.63 19.28
CA PRO B 93 -22.66 12.90 20.55
C PRO B 93 -21.32 12.69 21.28
N LEU B 94 -21.29 13.00 22.57
CA LEU B 94 -20.06 12.87 23.38
C LEU B 94 -19.73 11.43 23.77
N CYS B 95 -20.74 10.62 24.06
CA CYS B 95 -20.53 9.23 24.52
C CYS B 95 -20.05 8.27 23.41
N PRO B 96 -20.60 8.39 22.18
CA PRO B 96 -20.03 7.67 21.02
C PRO B 96 -18.60 8.09 20.65
N THR B 97 -18.25 9.36 20.86
CA THR B 97 -16.88 9.85 20.68
C THR B 97 -15.93 9.17 21.67
N ALA B 98 -16.35 9.08 22.93
CA ALA B 98 -15.61 8.34 23.95
C ALA B 98 -15.55 6.85 23.63
N ARG B 99 -16.66 6.30 23.14
CA ARG B 99 -16.71 4.89 22.71
C ARG B 99 -15.72 4.61 21.58
N SER B 100 -15.70 5.52 20.59
CA SER B 100 -14.82 5.38 19.43
C SER B 100 -13.33 5.38 19.81
N ILE B 101 -12.96 6.20 20.80
CA ILE B 101 -11.59 6.25 21.31
C ILE B 101 -11.25 4.96 22.08
N GLN B 102 -12.17 4.48 22.89
CA GLN B 102 -12.00 3.24 23.65
C GLN B 102 -12.01 1.98 22.78
N LEU B 103 -12.83 1.98 21.74
CA LEU B 103 -12.82 0.89 20.75
C LEU B 103 -11.46 0.83 20.05
N MET B 104 -10.98 1.97 19.57
CA MET B 104 -9.63 2.09 18.99
C MET B 104 -8.53 1.64 19.95
N LYS B 105 -8.66 1.99 21.23
CA LYS B 105 -7.73 1.51 22.26
C LYS B 105 -7.72 -0.01 22.35
N LYS B 106 -8.91 -0.62 22.28
CA LYS B 106 -9.06 -2.08 22.29
C LYS B 106 -8.45 -2.77 21.07
N ILE B 107 -8.61 -2.16 19.88
CA ILE B 107 -8.05 -2.70 18.63
C ILE B 107 -6.51 -2.64 18.68
N VAL B 108 -5.98 -1.54 19.20
CA VAL B 108 -4.53 -1.36 19.35
C VAL B 108 -3.92 -2.43 20.27
N LYS B 109 -4.63 -2.77 21.35
CA LYS B 109 -4.18 -3.82 22.26
C LYS B 109 -4.14 -5.19 21.58
N GLU B 110 -5.15 -5.47 20.75
CA GLU B 110 -5.17 -6.70 19.93
C GLU B 110 -4.05 -6.70 18.88
N LYS B 111 -3.83 -5.56 18.23
CA LYS B 111 -2.74 -5.39 17.26
C LYS B 111 -1.35 -5.55 17.89
N LEU B 112 -1.14 -4.95 19.06
CA LEU B 112 0.13 -5.04 19.77
C LEU B 112 0.43 -6.46 20.26
N ALA B 113 -0.59 -7.11 20.82
CA ALA B 113 -0.46 -8.49 21.34
C ALA B 113 -0.11 -9.51 20.26
N THR B 114 -0.69 -9.34 19.06
CA THR B 114 -0.37 -10.20 17.92
C THR B 114 1.11 -10.08 17.48
N ALA B 115 1.68 -8.88 17.63
CA ALA B 115 3.11 -8.65 17.37
C ALA B 115 4.04 -8.96 18.56
N GLY B 116 3.55 -9.73 19.54
CA GLY B 116 4.36 -10.12 20.70
C GLY B 116 4.63 -9.00 21.68
N MET B 117 3.60 -8.19 21.96
CA MET B 117 3.69 -7.08 22.92
C MET B 117 2.47 -7.07 23.84
N THR B 118 2.54 -7.88 24.90
CA THR B 118 1.48 -7.98 25.91
C THR B 118 1.70 -7.00 27.07
N ASN B 119 2.96 -6.79 27.47
CA ASN B 119 3.30 -5.97 28.63
C ASN B 119 3.31 -4.47 28.36
N ILE B 120 2.16 -3.92 27.97
CA ILE B 120 2.03 -2.51 27.62
C ILE B 120 0.87 -1.87 28.40
N ALA B 121 1.14 -1.55 29.67
CA ALA B 121 0.17 -0.88 30.53
C ALA B 121 0.04 0.61 30.22
N PHE B 122 1.15 1.21 29.76
CA PHE B 122 1.18 2.65 29.40
C PHE B 122 0.38 3.05 28.14
N VAL B 123 -0.05 2.08 27.33
CA VAL B 123 -0.92 2.35 26.18
C VAL B 123 -2.26 2.98 26.59
N ASP B 124 -2.82 2.52 27.71
CA ASP B 124 -4.13 3.00 28.17
C ASP B 124 -4.21 4.50 28.45
N GLU B 125 -3.13 5.07 28.98
CA GLU B 125 -3.13 6.42 29.57
C GLU B 125 -3.76 7.56 28.72
N PRO B 126 -3.24 7.82 27.49
CA PRO B 126 -3.79 8.93 26.68
C PRO B 126 -5.17 8.68 26.07
N PHE B 127 -5.48 7.42 25.74
CA PHE B 127 -6.81 7.05 25.23
C PHE B 127 -7.87 7.35 26.29
N ASP B 128 -7.61 6.86 27.50
CA ASP B 128 -8.48 7.09 28.67
C ASP B 128 -8.54 8.56 29.08
N TYR B 129 -7.42 9.27 28.93
CA TYR B 129 -7.35 10.70 29.26
C TYR B 129 -8.16 11.60 28.32
N ILE B 130 -8.03 11.36 27.01
CA ILE B 130 -8.77 12.13 26.01
C ILE B 130 -10.29 11.91 26.16
N ALA B 131 -10.69 10.65 26.36
CA ALA B 131 -12.09 10.30 26.60
C ALA B 131 -12.65 10.95 27.88
N ARG B 132 -11.83 11.03 28.93
CA ARG B 132 -12.23 11.67 30.19
C ARG B 132 -12.59 13.14 29.99
N VAL B 133 -11.76 13.86 29.23
CA VAL B 133 -11.95 15.30 28.98
C VAL B 133 -13.10 15.53 27.99
N ILE B 134 -13.24 14.66 26.99
CA ILE B 134 -14.31 14.76 25.99
C ILE B 134 -15.69 14.49 26.61
N SER B 135 -15.81 13.38 27.33
CA SER B 135 -17.10 12.93 27.85
C SER B 135 -17.57 13.68 29.10
N GLU B 136 -16.75 13.63 30.14
CA GLU B 136 -17.07 14.16 31.46
C GLU B 136 -16.03 15.01 32.20
N THR B 137 -15.50 16.00 31.52
CA THR B 137 -14.53 16.87 32.10
C THR B 137 -14.16 17.82 31.04
N ASP C 3 2.95 -30.37 0.17
CA ASP C 3 4.03 -29.52 -0.40
C ASP C 3 3.84 -28.04 -0.04
N GLY C 4 2.73 -27.45 -0.50
CA GLY C 4 2.46 -26.03 -0.29
C GLY C 4 2.31 -25.61 1.17
N GLU C 5 1.69 -26.45 1.99
CA GLU C 5 1.59 -26.21 3.43
C GLU C 5 2.95 -26.44 4.12
N LYS C 6 3.67 -27.47 3.68
CA LYS C 6 4.98 -27.81 4.24
C LYS C 6 6.05 -26.78 3.87
N ARG C 7 5.98 -26.24 2.66
CA ARG C 7 6.87 -25.16 2.21
C ARG C 7 6.67 -23.86 3.01
N VAL C 8 5.42 -23.56 3.37
CA VAL C 8 5.09 -22.45 4.27
C VAL C 8 5.68 -22.68 5.66
N GLN C 9 5.64 -23.92 6.14
CA GLN C 9 6.24 -24.29 7.43
C GLN C 9 7.78 -24.20 7.44
N VAL C 10 8.41 -24.39 6.28
CA VAL C 10 9.87 -24.29 6.15
C VAL C 10 10.33 -22.83 6.33
N ALA C 11 9.71 -21.92 5.59
CA ALA C 11 10.00 -20.48 5.72
C ALA C 11 9.56 -19.88 7.07
N GLY C 12 8.69 -20.58 7.78
CA GLY C 12 8.42 -20.28 9.18
C GLY C 12 9.56 -20.64 10.09
N VAL C 13 10.10 -21.85 9.91
CA VAL C 13 11.20 -22.38 10.74
C VAL C 13 12.52 -21.66 10.44
N ILE C 14 12.76 -21.32 9.16
CA ILE C 14 13.91 -20.52 8.76
C ILE C 14 13.77 -19.07 9.28
N GLY C 15 12.56 -18.52 9.15
CA GLY C 15 12.24 -17.18 9.66
C GLY C 15 12.33 -17.07 11.18
N THR C 16 11.97 -18.14 11.88
CA THR C 16 12.08 -18.20 13.33
C THR C 16 13.54 -18.17 13.79
N ASN C 17 14.38 -18.99 13.16
CA ASN C 17 15.79 -19.16 13.55
C ASN C 17 16.80 -18.50 12.61
N ALA C 18 16.39 -17.43 11.94
CA ALA C 18 17.26 -16.71 10.99
C ALA C 18 18.51 -16.14 11.67
N ALA C 19 18.34 -15.61 12.89
CA ALA C 19 19.47 -15.06 13.67
C ALA C 19 20.55 -16.11 13.98
N GLU C 20 20.11 -17.30 14.41
CA GLU C 20 21.01 -18.42 14.67
C GLU C 20 21.60 -19.01 13.38
N VAL C 21 20.78 -19.12 12.33
CA VAL C 21 21.21 -19.63 11.03
C VAL C 21 22.34 -18.79 10.44
N VAL C 22 22.19 -17.46 10.49
CA VAL C 22 23.21 -16.55 9.98
C VAL C 22 24.44 -16.66 10.90
N LYS C 23 24.31 -16.18 12.15
CA LYS C 23 25.39 -16.18 13.14
C LYS C 23 26.28 -17.43 13.11
N THR C 24 25.64 -18.61 13.14
CA THR C 24 26.35 -19.88 13.16
C THR C 24 27.07 -20.15 11.83
N ALA C 25 26.44 -19.78 10.72
CA ALA C 25 27.05 -19.93 9.39
C ALA C 25 28.23 -18.99 9.15
N VAL C 26 28.21 -17.79 9.75
CA VAL C 26 29.27 -16.80 9.52
C VAL C 26 30.53 -17.22 10.27
N SER C 27 30.34 -17.65 11.51
CA SER C 27 31.43 -18.20 12.34
C SER C 27 32.13 -19.36 11.66
N GLN C 28 31.36 -20.30 11.12
CA GLN C 28 31.92 -21.43 10.36
C GLN C 28 32.59 -21.00 9.06
N LEU C 29 32.03 -19.99 8.41
CA LEU C 29 32.63 -19.42 7.19
C LEU C 29 34.00 -18.80 7.46
N PHE C 30 34.13 -18.09 8.59
CA PHE C 30 35.41 -17.47 8.97
C PHE C 30 36.51 -18.48 9.27
N GLN C 31 36.14 -19.65 9.81
CA GLN C 31 37.10 -20.75 10.00
C GLN C 31 37.67 -21.27 8.67
N GLU C 32 36.82 -21.32 7.65
CA GLU C 32 37.22 -21.76 6.32
C GLU C 32 37.94 -20.67 5.53
N TYR C 33 37.44 -19.45 5.63
CA TYR C 33 38.01 -18.29 4.96
C TYR C 33 38.38 -17.19 5.97
N PRO C 34 39.50 -17.36 6.70
CA PRO C 34 39.95 -16.33 7.66
C PRO C 34 40.39 -15.01 7.03
N GLU C 35 40.72 -15.01 5.74
CA GLU C 35 40.98 -13.79 4.96
C GLU C 35 39.83 -12.76 4.97
N LEU C 36 38.60 -13.23 5.22
CA LEU C 36 37.43 -12.35 5.36
C LEU C 36 37.51 -11.48 6.62
N VAL C 37 38.13 -12.00 7.67
CA VAL C 37 38.25 -11.34 8.98
C VAL C 37 39.57 -10.56 9.15
N ARG C 38 40.51 -10.74 8.22
CA ARG C 38 41.77 -9.97 8.19
C ARG C 38 41.63 -8.72 7.31
N PRO C 39 42.62 -7.79 7.36
CA PRO C 39 42.59 -6.57 6.53
C PRO C 39 42.34 -6.81 5.03
N GLY C 40 41.57 -5.90 4.42
CA GLY C 40 41.15 -6.04 3.03
C GLY C 40 40.09 -7.11 2.79
N GLY C 41 39.41 -7.55 3.85
CA GLY C 41 38.36 -8.57 3.77
C GLY C 41 36.99 -7.95 3.88
N CYS C 42 35.96 -8.71 3.51
CA CYS C 42 34.57 -8.23 3.54
C CYS C 42 33.85 -8.44 4.88
N ALA C 43 34.59 -8.83 5.93
CA ALA C 43 34.07 -8.84 7.30
C ALA C 43 35.11 -8.33 8.32
N TYR C 44 35.96 -7.41 7.88
CA TYR C 44 37.09 -6.95 8.69
C TYR C 44 36.65 -5.94 9.75
N THR C 45 35.99 -4.87 9.31
CA THR C 45 35.48 -3.84 10.21
C THR C 45 34.07 -4.19 10.71
N THR C 46 33.60 -3.40 11.68
CA THR C 46 32.22 -3.50 12.20
C THR C 46 31.18 -3.24 11.11
N ARG C 47 31.46 -2.23 10.28
CA ARG C 47 30.61 -1.87 9.15
C ARG C 47 30.52 -3.03 8.17
N ARG C 48 31.68 -3.52 7.73
CA ARG C 48 31.76 -4.62 6.76
C ARG C 48 31.17 -5.92 7.29
N TYR C 49 31.39 -6.21 8.58
CA TYR C 49 30.82 -7.41 9.23
C TYR C 49 29.29 -7.36 9.27
N ASN C 50 28.71 -6.23 9.67
CA ASN C 50 27.26 -6.06 9.70
C ASN C 50 26.62 -6.11 8.31
N MET C 51 27.28 -5.52 7.32
CA MET C 51 26.86 -5.68 5.91
C MET C 51 27.02 -7.14 5.46
N CYS C 52 27.99 -7.85 6.03
CA CYS C 52 28.21 -9.28 5.76
C CYS C 52 27.11 -10.21 6.28
N VAL C 53 26.69 -10.02 7.53
CA VAL C 53 25.57 -10.82 8.08
C VAL C 53 24.21 -10.38 7.53
N ARG C 54 24.11 -9.12 7.10
CA ARG C 54 22.93 -8.61 6.40
C ARG C 54 22.69 -9.33 5.07
N ASP C 55 23.76 -9.51 4.30
CA ASP C 55 23.67 -10.14 2.97
C ASP C 55 23.31 -11.61 3.03
N MET C 56 23.86 -12.32 4.00
CA MET C 56 23.51 -13.72 4.24
C MET C 56 22.03 -13.86 4.63
N ASN C 57 21.53 -12.89 5.40
CA ASN C 57 20.11 -12.84 5.75
C ASN C 57 19.24 -12.60 4.52
N TYR C 58 19.67 -11.69 3.63
CA TYR C 58 18.98 -11.46 2.35
C TYR C 58 18.93 -12.72 1.49
N PHE C 59 20.07 -13.42 1.36
CA PHE C 59 20.13 -14.68 0.60
C PHE C 59 19.30 -15.79 1.25
N LEU C 60 19.25 -15.80 2.59
CA LEU C 60 18.38 -16.72 3.33
C LEU C 60 16.90 -16.42 3.05
N ARG C 61 16.56 -15.13 3.03
CA ARG C 61 15.18 -14.69 2.77
C ARG C 61 14.78 -14.84 1.29
N MET C 62 15.75 -14.90 0.39
CA MET C 62 15.51 -15.31 -1.01
C MET C 62 15.14 -16.79 -1.08
N CYS C 63 15.92 -17.62 -0.39
CA CYS C 63 15.69 -19.07 -0.34
C CYS C 63 14.34 -19.40 0.30
N SER C 64 14.03 -18.72 1.40
CA SER C 64 12.74 -18.90 2.09
C SER C 64 11.55 -18.55 1.20
N TYR C 65 11.65 -17.44 0.47
CA TYR C 65 10.64 -17.10 -0.55
C TYR C 65 10.56 -18.16 -1.65
N ALA C 66 11.73 -18.56 -2.18
CA ALA C 66 11.81 -19.54 -3.26
C ALA C 66 11.20 -20.91 -2.91
N ILE C 67 11.39 -21.34 -1.66
CA ILE C 67 10.79 -22.57 -1.14
C ILE C 67 9.26 -22.42 -1.12
N VAL C 68 8.78 -21.32 -0.53
CA VAL C 68 7.34 -21.07 -0.41
C VAL C 68 6.64 -20.98 -1.77
N ALA C 69 7.26 -20.26 -2.71
CA ALA C 69 6.64 -19.98 -4.01
C ALA C 69 6.62 -21.16 -4.99
N GLY C 70 7.53 -22.13 -4.82
CA GLY C 70 7.56 -23.33 -5.67
C GLY C 70 8.92 -23.98 -5.82
N GLY C 71 9.96 -23.17 -5.99
CA GLY C 71 11.32 -23.68 -6.17
C GLY C 71 12.26 -22.59 -6.65
N ALA C 72 13.36 -22.98 -7.30
CA ALA C 72 14.33 -22.01 -7.84
C ALA C 72 13.86 -21.32 -9.14
N SER C 73 12.81 -21.85 -9.77
CA SER C 73 12.21 -21.22 -10.96
C SER C 73 11.61 -19.83 -10.68
N VAL C 74 11.19 -19.59 -9.43
CA VAL C 74 10.62 -18.29 -9.05
C VAL C 74 11.66 -17.17 -8.80
N LEU C 75 12.93 -17.52 -8.64
CA LEU C 75 14.02 -16.54 -8.51
C LEU C 75 14.48 -16.09 -9.89
N ASP C 76 14.40 -14.79 -10.16
CA ASP C 76 14.82 -14.22 -11.45
C ASP C 76 16.34 -14.09 -11.50
N GLU C 77 16.97 -14.71 -12.50
CA GLU C 77 18.42 -14.68 -12.68
C GLU C 77 18.97 -13.30 -13.07
N ARG C 78 18.11 -12.47 -13.68
CA ARG C 78 18.44 -11.06 -13.97
C ARG C 78 18.82 -10.32 -12.67
N MET C 79 18.07 -10.58 -11.61
CA MET C 79 18.32 -10.03 -10.27
C MET C 79 19.48 -10.74 -9.56
N LEU C 80 19.62 -12.05 -9.73
CA LEU C 80 20.73 -12.82 -9.13
C LEU C 80 22.10 -12.45 -9.70
N ALA C 81 22.18 -12.38 -11.03
CA ALA C 81 23.41 -11.99 -11.73
C ALA C 81 23.81 -10.54 -11.41
N GLY C 82 22.82 -9.68 -11.17
CA GLY C 82 23.06 -8.29 -10.77
C GLY C 82 23.85 -8.16 -9.48
N PHE C 83 23.53 -9.00 -8.49
CA PHE C 83 24.26 -9.04 -7.23
C PHE C 83 25.64 -9.67 -7.36
N ARG C 84 25.77 -10.66 -8.26
CA ARG C 84 27.07 -11.26 -8.56
C ARG C 84 28.05 -10.25 -9.17
N ASP C 85 27.58 -9.47 -10.14
CA ASP C 85 28.38 -8.41 -10.77
C ASP C 85 28.80 -7.35 -9.75
N THR C 86 27.85 -6.93 -8.92
CA THR C 86 28.09 -6.01 -7.80
C THR C 86 29.18 -6.52 -6.86
N PHE C 87 29.14 -7.81 -6.55
CA PHE C 87 30.11 -8.45 -5.64
C PHE C 87 31.50 -8.56 -6.27
N ASN C 88 31.54 -8.91 -7.56
CA ASN C 88 32.77 -8.82 -8.35
C ASN C 88 33.33 -7.39 -8.32
N SER C 89 32.49 -6.42 -8.65
CA SER C 89 32.90 -5.01 -8.79
C SER C 89 33.45 -4.41 -7.48
N LEU C 90 32.74 -4.64 -6.37
CA LEU C 90 33.14 -4.13 -5.06
C LEU C 90 34.29 -4.91 -4.40
N GLY C 91 34.57 -6.12 -4.90
CA GLY C 91 35.67 -6.95 -4.39
C GLY C 91 35.27 -7.91 -3.29
N ILE C 92 34.04 -8.42 -3.36
CA ILE C 92 33.52 -9.40 -2.40
C ILE C 92 33.76 -10.78 -2.99
N PRO C 93 34.54 -11.65 -2.31
CA PRO C 93 34.90 -12.96 -2.89
C PRO C 93 33.69 -13.87 -3.16
N LEU C 94 33.64 -14.43 -4.36
CA LEU C 94 32.45 -15.15 -4.85
C LEU C 94 32.30 -16.57 -4.28
N CYS C 95 33.41 -17.31 -4.19
CA CYS C 95 33.37 -18.67 -3.64
C CYS C 95 32.93 -18.70 -2.17
N PRO C 96 33.49 -17.80 -1.32
CA PRO C 96 32.97 -17.67 0.06
C PRO C 96 31.52 -17.21 0.19
N THR C 97 31.05 -16.34 -0.70
CA THR C 97 29.64 -15.95 -0.75
C THR C 97 28.75 -17.17 -1.05
N ALA C 98 29.16 -17.98 -2.03
CA ALA C 98 28.45 -19.21 -2.37
C ALA C 98 28.51 -20.26 -1.24
N ARG C 99 29.67 -20.38 -0.58
CA ARG C 99 29.81 -21.30 0.57
C ARG C 99 28.93 -20.87 1.75
N SER C 100 28.85 -19.57 2.02
CA SER C 100 28.01 -19.04 3.10
C SER C 100 26.55 -19.48 2.97
N ILE C 101 26.07 -19.52 1.72
CA ILE C 101 24.71 -19.97 1.41
C ILE C 101 24.58 -21.49 1.65
N GLN C 102 25.57 -22.26 1.19
CA GLN C 102 25.59 -23.71 1.43
C GLN C 102 25.76 -24.07 2.91
N LEU C 103 26.49 -23.24 3.64
CA LEU C 103 26.60 -23.37 5.11
C LEU C 103 25.26 -23.10 5.79
N MET C 104 24.56 -22.06 5.33
CA MET C 104 23.19 -21.77 5.82
C MET C 104 22.19 -22.85 5.44
N LYS C 105 22.38 -23.48 4.29
CA LYS C 105 21.57 -24.63 3.87
C LYS C 105 21.72 -25.79 4.86
N LYS C 106 22.96 -26.10 5.21
CA LYS C 106 23.28 -27.17 6.17
C LYS C 106 22.62 -26.97 7.54
N ILE C 107 22.62 -25.73 8.04
CA ILE C 107 22.05 -25.41 9.37
C ILE C 107 20.52 -25.48 9.33
N VAL C 108 19.92 -24.94 8.27
CA VAL C 108 18.46 -25.00 8.06
C VAL C 108 17.94 -26.46 8.07
N LYS C 109 18.69 -27.36 7.46
CA LYS C 109 18.32 -28.78 7.41
C LYS C 109 18.28 -29.42 8.80
N GLU C 110 19.20 -29.01 9.68
CA GLU C 110 19.18 -29.44 11.08
C GLU C 110 18.01 -28.85 11.87
N LYS C 111 17.64 -27.60 11.57
CA LYS C 111 16.48 -26.96 12.20
C LYS C 111 15.17 -27.61 11.76
N LEU C 112 15.05 -27.87 10.46
CA LEU C 112 13.85 -28.54 9.90
C LEU C 112 13.69 -29.99 10.40
N ALA C 113 14.79 -30.69 10.64
CA ALA C 113 14.75 -31.99 11.31
C ALA C 113 14.19 -31.87 12.72
N THR C 114 14.65 -30.84 13.44
CA THR C 114 14.14 -30.54 14.79
C THR C 114 12.68 -30.04 14.76
N ALA C 115 12.28 -29.42 13.65
CA ALA C 115 10.87 -29.09 13.38
C ALA C 115 10.00 -30.29 12.98
N GLY C 116 10.56 -31.51 13.02
CA GLY C 116 9.81 -32.73 12.73
C GLY C 116 9.51 -32.94 11.25
N MET C 117 10.39 -32.46 10.38
CA MET C 117 10.22 -32.64 8.94
C MET C 117 11.13 -33.74 8.41
N THR C 118 10.61 -34.50 7.46
CA THR C 118 11.35 -35.50 6.71
C THR C 118 10.96 -35.36 5.24
N ASN C 119 11.82 -35.87 4.35
CA ASN C 119 11.73 -35.59 2.92
C ASN C 119 11.82 -34.08 2.67
N ILE C 120 13.04 -33.57 2.77
CA ILE C 120 13.33 -32.13 2.60
C ILE C 120 14.42 -31.92 1.54
N ALA C 121 14.36 -32.71 0.46
CA ALA C 121 15.27 -32.56 -0.68
C ALA C 121 14.94 -31.34 -1.52
N PHE C 122 13.66 -30.94 -1.51
CA PHE C 122 13.21 -29.68 -2.15
C PHE C 122 13.83 -28.42 -1.53
N VAL C 123 14.28 -28.50 -0.28
CA VAL C 123 14.92 -27.37 0.41
C VAL C 123 16.27 -27.01 -0.22
N ASP C 124 16.98 -27.99 -0.79
CA ASP C 124 18.32 -27.78 -1.36
C ASP C 124 18.35 -26.91 -2.62
N GLU C 125 17.32 -27.00 -3.45
CA GLU C 125 17.34 -26.41 -4.80
C GLU C 125 17.64 -24.89 -4.84
N PRO C 126 16.88 -24.07 -4.08
CA PRO C 126 17.14 -22.62 -4.12
C PRO C 126 18.50 -22.20 -3.55
N PHE C 127 18.94 -22.85 -2.48
CA PHE C 127 20.27 -22.61 -1.89
C PHE C 127 21.37 -22.97 -2.89
N ASP C 128 21.30 -24.20 -3.42
CA ASP C 128 22.26 -24.67 -4.42
C ASP C 128 22.26 -23.81 -5.69
N TYR C 129 21.07 -23.37 -6.12
CA TYR C 129 20.94 -22.54 -7.32
C TYR C 129 21.56 -21.16 -7.15
N ILE C 130 21.23 -20.49 -6.04
CA ILE C 130 21.78 -19.16 -5.74
C ILE C 130 23.31 -19.25 -5.52
N ALA C 131 23.75 -20.34 -4.89
CA ALA C 131 25.18 -20.62 -4.75
C ALA C 131 25.85 -20.90 -6.10
N ARG C 132 25.15 -21.59 -7.00
CA ARG C 132 25.67 -21.90 -8.35
C ARG C 132 25.98 -20.63 -9.15
N VAL C 133 24.99 -19.74 -9.27
CA VAL C 133 25.07 -18.56 -10.13
C VAL C 133 26.19 -17.63 -9.67
N ILE C 134 26.28 -17.40 -8.35
CA ILE C 134 27.31 -16.55 -7.76
C ILE C 134 28.71 -17.21 -7.77
N SER C 135 28.79 -18.53 -7.66
CA SER C 135 30.10 -19.22 -7.60
C SER C 135 30.88 -19.10 -8.92
N GLU C 136 30.29 -19.65 -9.95
CA GLU C 136 30.88 -19.60 -11.22
C GLU C 136 30.55 -18.24 -11.73
N THR C 137 31.61 -17.49 -11.93
CA THR C 137 31.58 -16.16 -12.42
C THR C 137 30.84 -16.23 -13.72
N ASP D 3 -33.94 22.57 -21.47
CA ASP D 3 -32.93 21.49 -21.64
C ASP D 3 -31.62 22.08 -22.16
N GLY D 4 -31.47 22.21 -23.48
CA GLY D 4 -30.24 22.74 -24.08
C GLY D 4 -29.94 24.18 -23.68
N GLU D 5 -31.00 24.98 -23.55
CA GLU D 5 -30.89 26.39 -23.17
C GLU D 5 -30.42 26.55 -21.73
N LYS D 6 -31.02 25.78 -20.82
CA LYS D 6 -30.60 25.76 -19.42
C LYS D 6 -29.18 25.20 -19.26
N ARG D 7 -28.85 24.18 -20.06
CA ARG D 7 -27.50 23.60 -20.06
C ARG D 7 -26.42 24.63 -20.45
N VAL D 8 -26.70 25.41 -21.49
CA VAL D 8 -25.83 26.54 -21.89
C VAL D 8 -25.70 27.55 -20.75
N GLN D 9 -26.82 27.85 -20.09
CA GLN D 9 -26.85 28.71 -18.92
C GLN D 9 -26.00 28.18 -17.75
N VAL D 10 -26.14 26.88 -17.45
CA VAL D 10 -25.43 26.24 -16.33
C VAL D 10 -23.92 26.31 -16.48
N ALA D 11 -23.42 25.93 -17.66
CA ALA D 11 -21.98 26.02 -17.97
C ALA D 11 -21.46 27.47 -17.91
N GLY D 12 -22.31 28.43 -18.26
CA GLY D 12 -21.99 29.85 -18.10
C GLY D 12 -21.75 30.23 -16.66
N VAL D 13 -22.59 29.73 -15.75
CA VAL D 13 -22.46 29.96 -14.31
C VAL D 13 -21.24 29.21 -13.75
N ILE D 14 -20.99 28.00 -14.25
CA ILE D 14 -19.81 27.22 -13.86
C ILE D 14 -18.52 27.92 -14.27
N GLY D 15 -18.44 28.33 -15.54
CA GLY D 15 -17.25 29.00 -16.09
C GLY D 15 -16.95 30.35 -15.45
N THR D 16 -18.00 31.13 -15.20
CA THR D 16 -17.88 32.43 -14.53
C THR D 16 -17.39 32.29 -13.07
N ASN D 17 -17.79 31.20 -12.40
CA ASN D 17 -17.42 30.96 -11.01
C ASN D 17 -16.41 29.81 -10.82
N ALA D 18 -15.75 29.40 -11.90
CA ALA D 18 -14.86 28.23 -11.89
C ALA D 18 -13.78 28.28 -10.81
N ALA D 19 -13.14 29.44 -10.67
CA ALA D 19 -12.07 29.64 -9.68
C ALA D 19 -12.58 29.46 -8.25
N GLU D 20 -13.68 30.14 -7.94
CA GLU D 20 -14.33 30.03 -6.63
C GLU D 20 -14.79 28.61 -6.31
N VAL D 21 -15.32 27.92 -7.33
CA VAL D 21 -15.77 26.52 -7.19
C VAL D 21 -14.63 25.60 -6.78
N VAL D 22 -13.46 25.77 -7.42
CA VAL D 22 -12.30 24.94 -7.11
C VAL D 22 -11.74 25.33 -5.73
N LYS D 23 -11.45 26.62 -5.53
CA LYS D 23 -10.95 27.14 -4.23
C LYS D 23 -11.79 26.70 -3.03
N THR D 24 -13.11 26.77 -3.16
CA THR D 24 -14.03 26.33 -2.09
C THR D 24 -14.07 24.80 -1.96
N ALA D 25 -14.03 24.08 -3.08
CA ALA D 25 -14.06 22.60 -3.08
C ALA D 25 -12.79 21.95 -2.53
N VAL D 26 -11.61 22.54 -2.82
CA VAL D 26 -10.34 21.99 -2.34
C VAL D 26 -10.19 22.27 -0.83
N SER D 27 -10.73 23.39 -0.37
CA SER D 27 -10.73 23.72 1.05
C SER D 27 -11.52 22.69 1.83
N GLN D 28 -12.74 22.42 1.38
CA GLN D 28 -13.60 21.38 1.97
C GLN D 28 -13.03 19.96 1.83
N LEU D 29 -12.29 19.71 0.75
CA LEU D 29 -11.60 18.43 0.54
C LEU D 29 -10.56 18.17 1.63
N PHE D 30 -9.73 19.19 1.90
CA PHE D 30 -8.69 19.08 2.93
C PHE D 30 -9.27 19.03 4.35
N GLN D 31 -10.42 19.66 4.57
CA GLN D 31 -11.17 19.50 5.83
C GLN D 31 -11.52 18.04 6.07
N GLU D 32 -11.97 17.35 5.01
CA GLU D 32 -12.34 15.94 5.08
C GLU D 32 -11.14 14.99 5.02
N TYR D 33 -10.12 15.35 4.22
CA TYR D 33 -8.89 14.56 4.09
C TYR D 33 -7.66 15.43 4.36
N PRO D 34 -7.36 15.72 5.65
CA PRO D 34 -6.16 16.49 5.98
C PRO D 34 -4.83 15.80 5.67
N GLU D 35 -4.87 14.48 5.45
CA GLU D 35 -3.71 13.69 4.98
C GLU D 35 -3.07 14.19 3.68
N LEU D 36 -3.88 14.79 2.81
CA LEU D 36 -3.41 15.29 1.51
C LEU D 36 -2.52 16.54 1.63
N VAL D 37 -2.63 17.24 2.75
CA VAL D 37 -1.83 18.43 3.06
C VAL D 37 -0.63 18.12 4.01
N ARG D 38 -0.56 16.87 4.49
CA ARG D 38 0.62 16.35 5.20
C ARG D 38 1.64 15.82 4.19
N PRO D 39 2.89 15.53 4.63
CA PRO D 39 3.91 14.92 3.74
C PRO D 39 3.47 13.60 3.10
N GLY D 40 3.78 13.45 1.82
CA GLY D 40 3.30 12.31 1.02
C GLY D 40 1.88 12.45 0.52
N GLY D 41 1.28 13.63 0.72
CA GLY D 41 -0.08 13.91 0.28
C GLY D 41 -0.05 14.51 -1.12
N CYS D 42 -1.17 14.37 -1.84
CA CYS D 42 -1.27 14.85 -3.22
C CYS D 42 -1.40 16.37 -3.36
N ALA D 43 -1.34 17.11 -2.25
CA ALA D 43 -1.26 18.58 -2.28
C ALA D 43 -0.33 19.11 -1.17
N TYR D 44 0.81 18.46 -0.98
CA TYR D 44 1.73 18.81 0.10
C TYR D 44 2.56 20.05 -0.23
N THR D 45 3.27 19.99 -1.35
CA THR D 45 4.09 21.09 -1.81
C THR D 45 3.24 22.13 -2.53
N THR D 46 3.86 23.25 -2.90
CA THR D 46 3.22 24.26 -3.75
C THR D 46 2.84 23.64 -5.11
N ARG D 47 3.79 22.92 -5.69
CA ARG D 47 3.63 22.24 -6.98
C ARG D 47 2.43 21.30 -6.98
N ARG D 48 2.45 20.34 -6.05
CA ARG D 48 1.38 19.35 -5.93
C ARG D 48 0.02 19.98 -5.63
N TYR D 49 0.00 21.05 -4.82
CA TYR D 49 -1.22 21.82 -4.59
C TYR D 49 -1.71 22.46 -5.90
N ASN D 50 -0.80 23.15 -6.61
CA ASN D 50 -1.15 23.79 -7.89
C ASN D 50 -1.62 22.79 -8.94
N MET D 51 -0.95 21.63 -9.02
CA MET D 51 -1.40 20.53 -9.86
C MET D 51 -2.73 19.91 -9.38
N CYS D 52 -3.02 20.03 -8.08
CA CYS D 52 -4.28 19.56 -7.53
C CYS D 52 -5.49 20.39 -7.97
N VAL D 53 -5.39 21.71 -7.85
CA VAL D 53 -6.45 22.61 -8.31
C VAL D 53 -6.56 22.63 -9.86
N ARG D 54 -5.43 22.40 -10.54
CA ARG D 54 -5.39 22.25 -12.00
C ARG D 54 -6.24 21.06 -12.46
N ASP D 55 -6.05 19.91 -11.82
CA ASP D 55 -6.79 18.69 -12.15
C ASP D 55 -8.28 18.84 -11.89
N MET D 56 -8.62 19.42 -10.75
CA MET D 56 -10.02 19.71 -10.41
C MET D 56 -10.66 20.65 -11.42
N ASN D 57 -9.90 21.64 -11.89
CA ASN D 57 -10.36 22.54 -12.96
C ASN D 57 -10.65 21.82 -14.27
N TYR D 58 -9.83 20.81 -14.61
CA TYR D 58 -10.11 19.96 -15.79
C TYR D 58 -11.35 19.09 -15.59
N PHE D 59 -11.42 18.40 -14.45
CA PHE D 59 -12.59 17.57 -14.13
C PHE D 59 -13.90 18.36 -14.10
N LEU D 60 -13.83 19.62 -13.66
CA LEU D 60 -14.98 20.54 -13.75
C LEU D 60 -15.29 20.86 -15.22
N ARG D 61 -14.25 21.22 -15.97
CA ARG D 61 -14.35 21.50 -17.41
C ARG D 61 -15.05 20.37 -18.18
N MET D 62 -14.68 19.14 -17.86
CA MET D 62 -15.33 17.94 -18.41
C MET D 62 -16.81 17.90 -18.08
N CYS D 63 -17.14 18.09 -16.79
CA CYS D 63 -18.53 18.09 -16.33
C CYS D 63 -19.34 19.20 -16.97
N SER D 64 -18.75 20.39 -17.08
CA SER D 64 -19.36 21.51 -17.82
C SER D 64 -19.70 21.11 -19.25
N TYR D 65 -18.70 20.52 -19.93
CA TYR D 65 -18.82 20.07 -21.33
C TYR D 65 -19.93 19.02 -21.48
N ALA D 66 -19.92 18.02 -20.60
CA ALA D 66 -20.97 17.00 -20.56
C ALA D 66 -22.38 17.60 -20.44
N ILE D 67 -22.50 18.62 -19.58
CA ILE D 67 -23.78 19.30 -19.36
C ILE D 67 -24.26 20.02 -20.63
N VAL D 68 -23.42 20.83 -21.27
CA VAL D 68 -23.82 21.54 -22.51
C VAL D 68 -24.06 20.58 -23.67
N ALA D 69 -23.32 19.46 -23.69
CA ALA D 69 -23.46 18.43 -24.74
C ALA D 69 -24.71 17.55 -24.61
N GLY D 70 -25.46 17.70 -23.51
CA GLY D 70 -26.74 17.01 -23.33
C GLY D 70 -26.69 15.74 -22.49
N GLY D 71 -25.58 15.48 -21.82
CA GLY D 71 -25.44 14.31 -20.95
C GLY D 71 -24.01 13.87 -20.75
N ALA D 72 -23.82 12.98 -19.78
CA ALA D 72 -22.52 12.38 -19.49
C ALA D 72 -22.07 11.37 -20.56
N SER D 73 -23.02 10.90 -21.37
CA SER D 73 -22.75 9.97 -22.49
C SER D 73 -21.59 10.41 -23.39
N VAL D 74 -21.46 11.72 -23.62
CA VAL D 74 -20.40 12.26 -24.47
C VAL D 74 -18.96 12.02 -23.97
N LEU D 75 -18.81 11.73 -22.68
CA LEU D 75 -17.51 11.40 -22.10
C LEU D 75 -17.18 9.92 -22.31
N ASP D 76 -15.98 9.65 -22.82
CA ASP D 76 -15.52 8.27 -23.03
C ASP D 76 -15.09 7.67 -21.69
N GLU D 77 -15.60 6.47 -21.40
CA GLU D 77 -15.23 5.76 -20.17
C GLU D 77 -13.78 5.28 -20.21
N ARG D 78 -13.26 5.02 -21.41
CA ARG D 78 -11.84 4.73 -21.62
C ARG D 78 -10.94 5.91 -21.25
N MET D 79 -11.42 7.12 -21.53
CA MET D 79 -10.73 8.36 -21.13
C MET D 79 -10.70 8.55 -19.61
N LEU D 80 -11.85 8.35 -18.95
CA LEU D 80 -11.96 8.51 -17.49
C LEU D 80 -11.22 7.41 -16.73
N ALA D 81 -11.25 6.19 -17.27
CA ALA D 81 -10.49 5.07 -16.72
C ALA D 81 -8.98 5.28 -16.87
N GLY D 82 -8.56 5.96 -17.94
CA GLY D 82 -7.16 6.33 -18.15
C GLY D 82 -6.57 7.17 -17.02
N PHE D 83 -7.33 8.16 -16.56
CA PHE D 83 -6.89 9.02 -15.46
C PHE D 83 -6.94 8.32 -14.10
N ARG D 84 -7.97 7.51 -13.87
CA ARG D 84 -8.05 6.64 -12.68
C ARG D 84 -6.78 5.80 -12.51
N ASP D 85 -6.34 5.19 -13.61
CA ASP D 85 -5.18 4.28 -13.61
C ASP D 85 -3.85 5.04 -13.54
N THR D 86 -3.80 6.21 -14.18
CA THR D 86 -2.67 7.14 -14.03
C THR D 86 -2.53 7.60 -12.58
N PHE D 87 -3.66 7.97 -11.97
CA PHE D 87 -3.71 8.43 -10.59
C PHE D 87 -3.32 7.31 -9.61
N ASN D 88 -3.95 6.15 -9.78
CA ASN D 88 -3.73 5.00 -8.91
C ASN D 88 -2.26 4.58 -8.88
N SER D 89 -1.64 4.52 -10.06
CA SER D 89 -0.23 4.15 -10.19
C SER D 89 0.70 5.24 -9.66
N LEU D 90 0.40 6.50 -9.97
CA LEU D 90 1.17 7.65 -9.44
C LEU D 90 1.04 7.83 -7.91
N GLY D 91 0.01 7.25 -7.30
CA GLY D 91 -0.21 7.34 -5.85
C GLY D 91 -1.16 8.45 -5.44
N ILE D 92 -1.95 8.95 -6.39
CA ILE D 92 -2.97 9.96 -6.11
C ILE D 92 -4.21 9.21 -5.62
N PRO D 93 -4.66 9.49 -4.36
CA PRO D 93 -5.81 8.78 -3.78
C PRO D 93 -7.09 8.85 -4.62
N LEU D 94 -7.77 7.72 -4.78
CA LEU D 94 -8.94 7.63 -5.67
C LEU D 94 -10.22 8.20 -5.03
N CYS D 95 -10.47 7.83 -3.78
CA CYS D 95 -11.69 8.29 -3.08
C CYS D 95 -11.67 9.79 -2.77
N PRO D 96 -10.52 10.34 -2.32
CA PRO D 96 -10.36 11.79 -2.26
C PRO D 96 -10.52 12.52 -3.61
N THR D 97 -9.99 11.93 -4.69
CA THR D 97 -10.19 12.49 -6.04
C THR D 97 -11.65 12.43 -6.46
N ALA D 98 -12.33 11.33 -6.13
CA ALA D 98 -13.76 11.18 -6.36
C ALA D 98 -14.57 12.18 -5.54
N ARG D 99 -14.24 12.31 -4.25
CA ARG D 99 -14.89 13.28 -3.37
C ARG D 99 -14.61 14.74 -3.77
N SER D 100 -13.45 15.00 -4.38
CA SER D 100 -13.13 16.33 -4.91
C SER D 100 -14.08 16.73 -6.05
N ILE D 101 -14.45 15.76 -6.88
CA ILE D 101 -15.42 15.97 -7.96
C ILE D 101 -16.83 16.17 -7.39
N GLN D 102 -17.15 15.40 -6.33
CA GLN D 102 -18.44 15.53 -5.64
C GLN D 102 -18.58 16.84 -4.87
N LEU D 103 -17.48 17.30 -4.26
CA LEU D 103 -17.46 18.60 -3.57
C LEU D 103 -17.67 19.75 -4.56
N MET D 104 -17.00 19.68 -5.72
CA MET D 104 -17.22 20.66 -6.80
C MET D 104 -18.68 20.72 -7.25
N LYS D 105 -19.35 19.56 -7.34
CA LYS D 105 -20.79 19.51 -7.65
C LYS D 105 -21.61 20.34 -6.66
N LYS D 106 -21.34 20.17 -5.37
CA LYS D 106 -22.05 20.89 -4.30
C LYS D 106 -21.95 22.42 -4.43
N ILE D 107 -20.76 22.93 -4.78
CA ILE D 107 -20.53 24.37 -4.87
C ILE D 107 -21.13 24.93 -6.17
N VAL D 108 -21.11 24.14 -7.23
CA VAL D 108 -21.77 24.50 -8.49
C VAL D 108 -23.27 24.68 -8.24
N LYS D 109 -23.87 23.72 -7.54
CA LYS D 109 -25.29 23.76 -7.18
C LYS D 109 -25.66 25.00 -6.36
N GLU D 110 -24.79 25.36 -5.41
CA GLU D 110 -24.96 26.58 -4.59
C GLU D 110 -25.01 27.85 -5.45
N LYS D 111 -24.11 27.96 -6.42
CA LYS D 111 -24.05 29.13 -7.30
C LYS D 111 -25.19 29.18 -8.31
N LEU D 112 -25.63 28.00 -8.78
CA LEU D 112 -26.81 27.91 -9.66
C LEU D 112 -28.10 28.26 -8.91
N ALA D 113 -28.16 27.98 -7.61
CA ALA D 113 -29.30 28.40 -6.77
C ALA D 113 -29.31 29.93 -6.63
N THR D 114 -28.16 30.49 -6.28
CA THR D 114 -27.95 31.95 -6.23
C THR D 114 -28.22 32.62 -7.59
N ALA D 115 -27.90 31.91 -8.68
CA ALA D 115 -28.18 32.37 -10.05
C ALA D 115 -29.66 32.29 -10.46
N GLY D 116 -30.49 31.62 -9.66
CA GLY D 116 -31.93 31.54 -9.89
C GLY D 116 -32.42 30.24 -10.51
N MET D 117 -31.55 29.23 -10.58
CA MET D 117 -31.88 27.97 -11.24
C MET D 117 -32.45 26.94 -10.25
N THR D 118 -33.56 26.32 -10.64
CA THR D 118 -34.17 25.22 -9.91
C THR D 118 -34.73 24.22 -10.91
N ASN D 119 -34.94 22.98 -10.46
CA ASN D 119 -35.20 21.84 -11.34
C ASN D 119 -33.96 21.61 -12.21
N ILE D 120 -32.83 21.38 -11.53
CA ILE D 120 -31.52 21.23 -12.16
C ILE D 120 -30.93 19.89 -11.71
N ALA D 121 -31.68 18.82 -11.99
CA ALA D 121 -31.26 17.45 -11.67
C ALA D 121 -30.15 16.97 -12.62
N PHE D 122 -30.22 17.41 -13.87
CA PHE D 122 -29.23 17.03 -14.90
C PHE D 122 -27.77 17.41 -14.60
N VAL D 123 -27.56 18.45 -13.78
CA VAL D 123 -26.21 18.82 -13.32
C VAL D 123 -25.45 17.66 -12.66
N ASP D 124 -26.14 16.86 -11.87
CA ASP D 124 -25.49 15.81 -11.06
C ASP D 124 -24.79 14.71 -11.87
N GLU D 125 -25.37 14.36 -13.02
CA GLU D 125 -24.98 13.18 -13.81
C GLU D 125 -23.46 13.03 -14.09
N PRO D 126 -22.84 14.02 -14.77
CA PRO D 126 -21.41 13.86 -15.11
C PRO D 126 -20.46 13.92 -13.91
N PHE D 127 -20.83 14.67 -12.88
CA PHE D 127 -20.05 14.67 -11.63
C PHE D 127 -20.08 13.30 -10.97
N ASP D 128 -21.27 12.71 -10.88
CA ASP D 128 -21.43 11.37 -10.29
C ASP D 128 -20.75 10.29 -11.13
N TYR D 129 -20.85 10.42 -12.46
CA TYR D 129 -20.25 9.44 -13.37
C TYR D 129 -18.72 9.41 -13.27
N ILE D 130 -18.10 10.58 -13.33
CA ILE D 130 -16.64 10.66 -13.22
C ILE D 130 -16.21 10.30 -11.79
N ALA D 131 -17.00 10.71 -10.79
CA ALA D 131 -16.79 10.28 -9.41
C ALA D 131 -16.85 8.75 -9.27
N ARG D 132 -17.83 8.12 -9.92
CA ARG D 132 -17.99 6.66 -9.90
C ARG D 132 -16.86 5.93 -10.62
N VAL D 133 -16.44 6.43 -11.77
CA VAL D 133 -15.35 5.81 -12.54
C VAL D 133 -14.01 5.93 -11.80
N ILE D 134 -13.78 7.09 -11.16
CA ILE D 134 -12.55 7.32 -10.39
C ILE D 134 -12.57 6.58 -9.03
N SER D 135 -13.73 6.49 -8.38
CA SER D 135 -13.84 5.87 -7.05
C SER D 135 -13.63 4.35 -7.09
N GLU D 136 -14.42 3.67 -7.89
CA GLU D 136 -14.34 2.22 -8.00
C GLU D 136 -13.28 2.00 -8.98
N THR D 137 -12.46 1.00 -8.78
CA THR D 137 -11.34 0.72 -9.64
C THR D 137 -11.38 -0.72 -10.06
#